data_3G46
#
_entry.id   3G46
#
_cell.length_a   92.536
_cell.length_b   43.487
_cell.length_c   82.853
_cell.angle_alpha   90.00
_cell.angle_beta   122.25
_cell.angle_gamma   90.00
#
_symmetry.space_group_name_H-M   'C 1 2 1'
#
loop_
_entity.id
_entity.type
_entity.pdbx_description
1 polymer Globin-1
2 non-polymer 'PROTOPORPHYRIN IX CONTAINING FE'
3 non-polymer 'CARBON MONOXIDE'
4 non-polymer XENON
5 water water
#
_entity_poly.entity_id   1
_entity_poly.type   'polypeptide(L)'
_entity_poly.pdbx_seq_one_letter_code
;PSVYDAAAQLTADVKKDLRDSWKVIGSDKKGNGVALMTTLFADNQETIGYFKRLGDVSQGMANDKLRGHSITLMYALQNF
IDQLDNPDDLVCVVEKFAVNHITRKISAAEFGKINGPIKKVLASKNFGDKYANAWAKLVAVVQAAL
;
_entity_poly.pdbx_strand_id   A,B
#
loop_
_chem_comp.id
_chem_comp.type
_chem_comp.name
_chem_comp.formula
CMO non-polymer 'CARBON MONOXIDE' 'C O'
HEM non-polymer 'PROTOPORPHYRIN IX CONTAINING FE' 'C34 H32 Fe N4 O4'
XE non-polymer XENON Xe
#
# COMPACT_ATOMS: atom_id res chain seq x y z
N PRO A 1 8.87 3.90 -24.27
CA PRO A 1 7.94 3.09 -23.48
C PRO A 1 6.57 2.98 -24.17
N SER A 2 5.81 1.95 -23.78
CA SER A 2 4.44 1.75 -24.29
C SER A 2 3.43 1.46 -23.19
N VAL A 3 3.48 2.19 -22.08
CA VAL A 3 2.63 1.99 -20.92
C VAL A 3 1.18 2.39 -21.13
N TYR A 4 0.92 3.53 -21.79
CA TYR A 4 -0.47 3.98 -21.93
C TYR A 4 -1.24 3.05 -22.86
N ASP A 5 -0.65 2.46 -23.89
N ASP A 5 -0.54 2.53 -23.87
CA ASP A 5 -1.53 1.57 -24.66
CA ASP A 5 -1.06 1.52 -24.79
C ASP A 5 -1.85 0.31 -23.87
C ASP A 5 -1.36 0.21 -24.07
N ALA A 6 -0.87 -0.15 -23.07
N ALA A 6 -0.58 -0.17 -23.06
CA ALA A 6 -1.12 -1.35 -22.26
CA ALA A 6 -0.95 -1.31 -22.23
C ALA A 6 -2.31 -1.08 -21.36
C ALA A 6 -2.23 -1.02 -21.45
N ALA A 7 -2.32 0.14 -20.82
CA ALA A 7 -3.48 0.51 -20.03
C ALA A 7 -4.74 0.51 -20.90
N ALA A 8 -4.63 0.84 -22.18
CA ALA A 8 -5.80 0.91 -23.05
C ALA A 8 -6.41 -0.47 -23.31
N GLN A 9 -5.69 -1.53 -22.99
CA GLN A 9 -6.18 -2.89 -23.13
C GLN A 9 -7.19 -3.27 -22.05
N LEU A 10 -7.28 -2.43 -21.01
CA LEU A 10 -8.26 -2.69 -19.95
C LEU A 10 -9.63 -2.13 -20.34
N THR A 11 -10.27 -2.87 -21.25
CA THR A 11 -11.61 -2.63 -21.74
C THR A 11 -12.65 -2.80 -20.66
N ALA A 12 -13.89 -2.38 -20.93
CA ALA A 12 -14.97 -2.62 -19.97
C ALA A 12 -15.07 -4.09 -19.59
N ASP A 13 -14.96 -5.02 -20.54
CA ASP A 13 -15.10 -6.43 -20.22
C ASP A 13 -13.96 -6.92 -19.33
N VAL A 14 -12.74 -6.48 -19.62
CA VAL A 14 -11.58 -6.85 -18.80
C VAL A 14 -11.72 -6.26 -17.40
N LYS A 15 -12.10 -4.99 -17.29
CA LYS A 15 -12.27 -4.37 -15.98
C LYS A 15 -13.31 -5.12 -15.15
N LYS A 16 -14.40 -5.52 -15.79
CA LYS A 16 -15.44 -6.25 -15.06
C LYS A 16 -14.89 -7.56 -14.52
N ASP A 17 -14.14 -8.29 -15.35
CA ASP A 17 -13.57 -9.55 -14.88
C ASP A 17 -12.57 -9.33 -13.73
N LEU A 18 -11.77 -8.27 -13.78
CA LEU A 18 -10.89 -7.92 -12.68
C LEU A 18 -11.67 -7.63 -11.41
N ARG A 19 -12.72 -6.80 -11.51
CA ARG A 19 -13.49 -6.46 -10.31
C ARG A 19 -14.19 -7.68 -9.73
N ASP A 20 -14.76 -8.52 -10.59
CA ASP A 20 -15.56 -9.65 -10.13
C ASP A 20 -14.68 -10.67 -9.41
N SER A 21 -13.50 -10.93 -9.98
CA SER A 21 -12.57 -11.85 -9.30
C SER A 21 -11.95 -11.19 -8.07
N TRP A 22 -11.62 -9.91 -8.12
CA TRP A 22 -11.06 -9.26 -6.94
C TRP A 22 -12.01 -9.26 -5.76
N LYS A 23 -13.32 -9.19 -6.03
CA LYS A 23 -14.28 -9.24 -4.91
C LYS A 23 -14.05 -10.46 -4.02
N VAL A 24 -13.70 -11.58 -4.67
CA VAL A 24 -13.39 -12.79 -3.91
C VAL A 24 -11.93 -12.80 -3.44
N ILE A 25 -10.96 -12.59 -4.32
CA ILE A 25 -9.56 -12.72 -3.90
C ILE A 25 -9.21 -11.69 -2.84
N GLY A 26 -9.68 -10.46 -3.00
CA GLY A 26 -9.32 -9.41 -2.04
C GLY A 26 -10.07 -9.50 -0.74
N SER A 27 -10.98 -10.46 -0.59
CA SER A 27 -11.66 -10.66 0.68
C SER A 27 -10.80 -11.45 1.66
N ASP A 28 -9.66 -11.96 1.20
CA ASP A 28 -8.72 -12.62 2.12
C ASP A 28 -7.30 -12.21 1.70
N LYS A 29 -6.96 -10.97 2.03
CA LYS A 29 -5.68 -10.44 1.54
C LYS A 29 -4.51 -11.18 2.15
N LYS A 30 -4.56 -11.47 3.45
CA LYS A 30 -3.46 -12.18 4.11
C LYS A 30 -3.25 -13.56 3.52
N GLY A 31 -4.33 -14.34 3.46
CA GLY A 31 -4.25 -15.70 2.96
C GLY A 31 -3.87 -15.78 1.50
N ASN A 32 -4.53 -14.99 0.65
CA ASN A 32 -4.25 -15.07 -0.78
C ASN A 32 -2.93 -14.37 -1.13
N GLY A 33 -2.55 -13.34 -0.40
CA GLY A 33 -1.26 -12.73 -0.64
C GLY A 33 -0.11 -13.66 -0.32
N VAL A 34 -0.17 -14.32 0.83
CA VAL A 34 0.90 -15.27 1.16
C VAL A 34 0.87 -16.42 0.17
N ALA A 35 -0.32 -16.90 -0.24
CA ALA A 35 -0.38 -17.98 -1.23
C ALA A 35 0.27 -17.55 -2.54
N LEU A 36 0.06 -16.30 -2.97
CA LEU A 36 0.67 -15.82 -4.20
C LEU A 36 2.18 -15.88 -4.10
N MET A 37 2.71 -15.40 -2.97
CA MET A 37 4.16 -15.38 -2.78
C MET A 37 4.75 -16.77 -2.63
N THR A 38 4.14 -17.63 -1.82
CA THR A 38 4.72 -18.97 -1.68
C THR A 38 4.68 -19.69 -3.02
N THR A 39 3.67 -19.44 -3.85
CA THR A 39 3.59 -20.06 -5.17
C THR A 39 4.66 -19.51 -6.09
N LEU A 40 4.88 -18.20 -6.08
CA LEU A 40 5.97 -17.61 -6.83
C LEU A 40 7.30 -18.25 -6.43
N PHE A 41 7.55 -18.36 -5.13
CA PHE A 41 8.86 -18.88 -4.71
C PHE A 41 9.03 -20.35 -5.07
N ALA A 42 7.97 -21.13 -4.95
CA ALA A 42 8.04 -22.57 -5.17
C ALA A 42 8.25 -22.87 -6.65
N ASP A 43 7.61 -22.06 -7.48
CA ASP A 43 7.63 -22.34 -8.91
C ASP A 43 8.68 -21.55 -9.65
N ASN A 44 9.26 -20.55 -9.01
CA ASN A 44 10.28 -19.70 -9.62
C ASN A 44 11.38 -19.43 -8.60
N GLN A 45 12.07 -20.51 -8.23
CA GLN A 45 13.03 -20.43 -7.13
C GLN A 45 14.17 -19.47 -7.43
N GLU A 46 14.43 -19.20 -8.70
CA GLU A 46 15.49 -18.27 -9.09
C GLU A 46 15.15 -16.81 -8.76
N THR A 47 13.95 -16.55 -8.27
CA THR A 47 13.56 -15.22 -7.84
C THR A 47 13.72 -15.03 -6.33
N ILE A 48 13.97 -16.10 -5.56
CA ILE A 48 13.95 -15.98 -4.10
C ILE A 48 15.04 -15.04 -3.60
N GLY A 49 16.21 -15.05 -4.23
CA GLY A 49 17.30 -14.21 -3.80
C GLY A 49 16.95 -12.74 -3.68
N TYR A 50 16.07 -12.25 -4.55
CA TYR A 50 15.68 -10.86 -4.50
C TYR A 50 14.99 -10.46 -3.20
N PHE A 51 14.41 -11.45 -2.53
CA PHE A 51 13.60 -11.24 -1.35
C PHE A 51 14.36 -11.44 -0.04
N LYS A 52 15.68 -11.36 -0.08
CA LYS A 52 16.47 -11.67 1.12
C LYS A 52 16.10 -10.79 2.31
N ARG A 53 15.57 -9.59 2.16
CA ARG A 53 15.20 -8.80 3.34
C ARG A 53 14.17 -9.55 4.18
N LEU A 54 13.36 -10.39 3.53
CA LEU A 54 12.27 -11.04 4.25
C LEU A 54 12.72 -12.25 5.05
N GLY A 55 13.98 -12.65 4.94
CA GLY A 55 14.48 -13.80 5.67
C GLY A 55 14.12 -15.11 5.01
N ASP A 56 13.70 -16.11 5.78
CA ASP A 56 13.45 -17.43 5.24
C ASP A 56 12.02 -17.55 4.73
N VAL A 57 11.84 -17.35 3.42
CA VAL A 57 10.47 -17.28 2.89
C VAL A 57 9.82 -18.65 2.86
N SER A 58 10.60 -19.73 3.02
CA SER A 58 10.02 -21.08 3.08
C SER A 58 9.07 -21.21 4.26
N GLN A 59 9.18 -20.33 5.26
CA GLN A 59 8.33 -20.38 6.43
C GLN A 59 6.91 -19.90 6.18
N GLY A 60 6.63 -19.25 5.06
CA GLY A 60 5.27 -18.87 4.73
C GLY A 60 4.65 -17.93 5.74
N MET A 61 3.42 -18.23 6.15
CA MET A 61 2.58 -17.36 6.97
C MET A 61 3.19 -17.04 8.33
N ALA A 62 4.05 -17.93 8.81
CA ALA A 62 4.67 -17.81 10.11
C ALA A 62 5.82 -16.79 10.07
N ASN A 63 6.27 -16.44 8.89
CA ASN A 63 7.30 -15.41 8.72
C ASN A 63 6.65 -14.04 8.71
N ASP A 64 6.86 -13.27 9.77
CA ASP A 64 6.19 -11.98 9.95
C ASP A 64 6.52 -11.01 8.83
N LYS A 65 7.80 -10.94 8.43
CA LYS A 65 8.14 -10.00 7.34
C LYS A 65 7.49 -10.45 6.04
N LEU A 66 7.45 -11.74 5.78
CA LEU A 66 6.76 -12.17 4.57
C LEU A 66 5.27 -11.87 4.65
N ARG A 67 4.68 -12.08 5.83
CA ARG A 67 3.25 -11.78 5.96
C ARG A 67 2.99 -10.29 5.73
N GLY A 68 3.80 -9.40 6.32
CA GLY A 68 3.63 -7.97 6.15
C GLY A 68 3.79 -7.54 4.69
N HIS A 69 4.81 -8.10 4.03
CA HIS A 69 5.03 -7.87 2.62
C HIS A 69 3.81 -8.29 1.80
N SER A 70 3.30 -9.48 2.10
CA SER A 70 2.26 -10.10 1.30
C SER A 70 0.92 -9.37 1.42
N ILE A 71 0.58 -9.00 2.65
CA ILE A 71 -0.60 -8.16 2.86
C ILE A 71 -0.47 -6.86 2.08
N THR A 72 0.70 -6.23 2.18
CA THR A 72 0.90 -4.94 1.52
C THR A 72 0.82 -5.07 0.00
N LEU A 73 1.34 -6.17 -0.54
CA LEU A 73 1.20 -6.43 -1.99
C LEU A 73 -0.26 -6.44 -2.41
N MET A 74 -1.11 -7.04 -1.58
CA MET A 74 -2.53 -7.09 -1.93
C MET A 74 -3.17 -5.72 -1.91
N TYR A 75 -2.67 -4.78 -1.13
CA TYR A 75 -3.15 -3.39 -1.19
C TYR A 75 -2.63 -2.67 -2.42
N ALA A 76 -1.50 -3.07 -2.99
CA ALA A 76 -1.14 -2.55 -4.31
C ALA A 76 -2.17 -2.97 -5.35
N LEU A 77 -2.57 -4.25 -5.29
CA LEU A 77 -3.62 -4.72 -6.22
C LEU A 77 -4.93 -4.00 -5.97
N GLN A 78 -5.32 -3.80 -4.72
CA GLN A 78 -6.53 -3.05 -4.40
C GLN A 78 -6.52 -1.66 -5.02
N ASN A 79 -5.36 -1.00 -4.89
CA ASN A 79 -5.13 0.32 -5.46
C ASN A 79 -5.36 0.27 -6.96
N PHE A 80 -4.72 -0.68 -7.65
CA PHE A 80 -4.94 -0.76 -9.10
C PHE A 80 -6.41 -0.94 -9.46
N ILE A 81 -7.11 -1.85 -8.78
CA ILE A 81 -8.53 -2.07 -9.06
C ILE A 81 -9.31 -0.78 -8.87
N ASP A 82 -9.02 -0.05 -7.81
CA ASP A 82 -9.75 1.19 -7.54
C ASP A 82 -9.44 2.29 -8.55
N GLN A 83 -8.33 2.21 -9.28
CA GLN A 83 -7.99 3.23 -10.27
C GLN A 83 -8.40 2.85 -11.70
N LEU A 84 -9.08 1.74 -11.92
CA LEU A 84 -9.33 1.31 -13.30
C LEU A 84 -10.15 2.31 -14.10
N ASP A 85 -10.95 3.16 -13.48
CA ASP A 85 -11.78 4.14 -14.19
C ASP A 85 -10.96 5.20 -14.93
N ASN A 86 -9.76 5.47 -14.44
CA ASN A 86 -9.03 6.69 -14.79
C ASN A 86 -7.64 6.32 -15.25
N PRO A 87 -7.37 6.29 -16.55
CA PRO A 87 -6.04 5.84 -17.00
C PRO A 87 -4.91 6.68 -16.40
N ASP A 88 -5.07 7.99 -16.23
CA ASP A 88 -3.96 8.78 -15.69
C ASP A 88 -3.64 8.35 -14.26
N ASP A 89 -4.68 8.06 -13.48
CA ASP A 89 -4.46 7.66 -12.09
C ASP A 89 -3.93 6.23 -12.02
N LEU A 90 -4.45 5.33 -12.84
CA LEU A 90 -3.88 3.98 -12.86
C LEU A 90 -2.40 4.04 -13.21
N VAL A 91 -2.07 4.79 -14.26
CA VAL A 91 -0.66 4.83 -14.69
C VAL A 91 0.19 5.43 -13.60
N CYS A 92 -0.25 6.47 -12.89
CA CYS A 92 0.68 7.06 -11.93
C CYS A 92 0.91 6.12 -10.75
N VAL A 93 -0.05 5.29 -10.36
CA VAL A 93 0.25 4.34 -9.26
C VAL A 93 1.05 3.16 -9.81
N VAL A 94 0.78 2.69 -11.03
CA VAL A 94 1.64 1.69 -11.64
C VAL A 94 3.07 2.17 -11.72
N GLU A 95 3.29 3.42 -12.13
CA GLU A 95 4.66 3.94 -12.24
C GLU A 95 5.33 3.96 -10.87
N LYS A 96 4.59 4.30 -9.83
CA LYS A 96 5.14 4.30 -8.47
C LYS A 96 5.67 2.91 -8.13
N PHE A 97 4.85 1.88 -8.35
CA PHE A 97 5.30 0.53 -8.00
C PHE A 97 6.36 0.04 -8.97
N ALA A 98 6.33 0.50 -10.22
CA ALA A 98 7.39 0.11 -11.15
C ALA A 98 8.73 0.60 -10.64
N VAL A 99 8.80 1.84 -10.16
CA VAL A 99 10.03 2.36 -9.58
C VAL A 99 10.54 1.45 -8.46
N ASN A 100 9.65 1.00 -7.58
CA ASN A 100 10.04 0.08 -6.51
C ASN A 100 10.69 -1.19 -7.03
N HIS A 101 10.20 -1.70 -8.15
CA HIS A 101 10.73 -2.93 -8.72
C HIS A 101 11.99 -2.68 -9.54
N ILE A 102 12.08 -1.52 -10.22
CA ILE A 102 13.33 -1.19 -10.92
C ILE A 102 14.48 -1.09 -9.92
N THR A 103 14.25 -0.50 -8.75
CA THR A 103 15.29 -0.44 -7.73
C THR A 103 15.81 -1.83 -7.35
N ARG A 104 14.92 -2.81 -7.38
CA ARG A 104 15.22 -4.20 -7.05
C ARG A 104 15.70 -4.98 -8.27
N LYS A 105 15.88 -4.31 -9.40
CA LYS A 105 16.46 -4.90 -10.62
C LYS A 105 15.55 -5.96 -11.24
N ILE A 106 14.25 -5.75 -11.09
CA ILE A 106 13.24 -6.63 -11.66
C ILE A 106 12.83 -6.16 -13.05
N SER A 107 13.05 -6.98 -14.05
CA SER A 107 12.69 -6.69 -15.43
C SER A 107 11.24 -6.98 -15.72
N ALA A 108 10.76 -6.54 -16.87
CA ALA A 108 9.42 -6.91 -17.33
C ALA A 108 9.23 -8.42 -17.38
N ALA A 109 10.23 -9.15 -17.90
CA ALA A 109 10.09 -10.60 -18.00
C ALA A 109 10.03 -11.24 -16.62
N GLU A 110 10.86 -10.78 -15.68
CA GLU A 110 10.80 -11.44 -14.36
C GLU A 110 9.53 -11.01 -13.62
N PHE A 111 9.05 -9.79 -13.76
CA PHE A 111 7.79 -9.40 -13.14
C PHE A 111 6.65 -10.30 -13.65
N GLY A 112 6.70 -10.63 -14.93
CA GLY A 112 5.71 -11.48 -15.57
C GLY A 112 5.67 -12.88 -15.02
N LYS A 113 6.68 -13.27 -14.26
CA LYS A 113 6.66 -14.58 -13.60
C LYS A 113 5.51 -14.68 -12.59
N ILE A 114 4.93 -13.55 -12.20
CA ILE A 114 3.78 -13.61 -11.29
C ILE A 114 2.53 -14.16 -11.96
N ASN A 115 2.50 -14.22 -13.28
CA ASN A 115 1.25 -14.70 -13.89
C ASN A 115 0.94 -16.14 -13.59
N GLY A 116 1.95 -16.99 -13.53
CA GLY A 116 1.63 -18.38 -13.19
C GLY A 116 1.04 -18.49 -11.80
N PRO A 117 1.68 -17.94 -10.77
CA PRO A 117 1.05 -17.87 -9.44
C PRO A 117 -0.34 -17.23 -9.43
N ILE A 118 -0.56 -16.14 -10.15
CA ILE A 118 -1.93 -15.57 -10.18
C ILE A 118 -2.92 -16.59 -10.74
N LYS A 119 -2.56 -17.23 -11.84
CA LYS A 119 -3.47 -18.22 -12.45
C LYS A 119 -3.80 -19.30 -11.45
N LYS A 120 -2.81 -19.77 -10.70
CA LYS A 120 -3.00 -20.86 -9.74
C LYS A 120 -3.87 -20.40 -8.58
N VAL A 121 -3.61 -19.21 -8.06
CA VAL A 121 -4.41 -18.75 -6.91
C VAL A 121 -5.85 -18.50 -7.37
N LEU A 122 -6.04 -17.85 -8.51
CA LEU A 122 -7.39 -17.70 -9.07
C LEU A 122 -8.10 -19.04 -9.22
N ALA A 123 -7.40 -20.02 -9.81
CA ALA A 123 -8.03 -21.30 -10.10
C ALA A 123 -8.45 -21.99 -8.81
N SER A 124 -7.67 -21.83 -7.75
CA SER A 124 -7.99 -22.43 -6.47
C SER A 124 -9.30 -21.88 -5.91
N LYS A 125 -9.74 -20.70 -6.34
CA LYS A 125 -10.99 -20.08 -5.90
C LYS A 125 -12.07 -20.17 -6.97
N ASN A 126 -11.83 -20.92 -8.03
CA ASN A 126 -12.75 -21.20 -9.11
C ASN A 126 -12.93 -20.01 -10.08
N PHE A 127 -11.80 -19.35 -10.33
CA PHE A 127 -11.68 -18.36 -11.39
C PHE A 127 -10.66 -18.85 -12.40
N GLY A 128 -11.11 -19.16 -13.61
CA GLY A 128 -10.23 -19.86 -14.52
C GLY A 128 -9.52 -18.93 -15.48
N ASP A 129 -9.18 -19.48 -16.65
CA ASP A 129 -8.26 -18.80 -17.57
C ASP A 129 -8.80 -17.45 -18.01
N LYS A 130 -10.11 -17.27 -18.10
CA LYS A 130 -10.69 -15.97 -18.44
C LYS A 130 -10.18 -14.88 -17.51
N TYR A 131 -10.21 -15.24 -16.23
CA TYR A 131 -9.78 -14.28 -15.21
C TYR A 131 -8.28 -14.14 -15.16
N ALA A 132 -7.55 -15.25 -15.32
CA ALA A 132 -6.08 -15.15 -15.40
C ALA A 132 -5.67 -14.23 -16.53
N ASN A 133 -6.43 -14.39 -17.62
N ASN A 133 -6.29 -14.22 -17.70
CA ASN A 133 -5.99 -13.61 -18.78
CA ASN A 133 -5.98 -13.36 -18.84
C ASN A 133 -6.30 -12.13 -18.51
C ASN A 133 -6.25 -11.89 -18.57
N ALA A 134 -7.36 -11.69 -17.86
CA ALA A 134 -7.62 -10.32 -17.45
C ALA A 134 -6.53 -9.77 -16.53
N TRP A 135 -6.17 -10.59 -15.53
CA TRP A 135 -5.09 -10.16 -14.62
C TRP A 135 -3.77 -10.01 -15.37
N ALA A 136 -3.55 -10.84 -16.37
CA ALA A 136 -2.32 -10.66 -17.18
C ALA A 136 -2.27 -9.32 -17.90
N LYS A 137 -3.42 -8.84 -18.32
CA LYS A 137 -3.43 -7.53 -18.96
C LYS A 137 -3.08 -6.45 -17.94
N LEU A 138 -3.51 -6.61 -16.69
CA LEU A 138 -3.11 -5.62 -15.67
C LEU A 138 -1.62 -5.74 -15.35
N VAL A 139 -1.11 -6.96 -15.18
CA VAL A 139 0.32 -7.18 -15.01
C VAL A 139 1.10 -6.52 -16.14
N ALA A 140 0.57 -6.58 -17.37
CA ALA A 140 1.26 -6.02 -18.53
C ALA A 140 1.38 -4.51 -18.46
N VAL A 141 0.50 -3.82 -17.72
CA VAL A 141 0.67 -2.37 -17.54
C VAL A 141 1.92 -2.11 -16.70
N VAL A 142 2.11 -2.88 -15.64
CA VAL A 142 3.34 -2.73 -14.85
C VAL A 142 4.55 -3.12 -15.69
N GLN A 143 4.45 -4.24 -16.42
CA GLN A 143 5.60 -4.64 -17.25
C GLN A 143 6.04 -3.55 -18.20
N ALA A 144 5.07 -2.84 -18.79
CA ALA A 144 5.38 -1.76 -19.72
C ALA A 144 6.14 -0.61 -19.08
N ALA A 145 6.02 -0.45 -17.76
CA ALA A 145 6.64 0.64 -17.02
C ALA A 145 8.02 0.24 -16.48
N LEU A 146 8.42 -1.02 -16.57
CA LEU A 146 9.67 -1.46 -15.98
C LEU A 146 10.87 -1.20 -16.89
N PRO B 1 9.30 0.26 25.34
N PRO B 1 9.39 -0.26 25.68
CA PRO B 1 8.17 -0.62 24.99
CA PRO B 1 8.13 -0.72 25.10
C PRO B 1 8.30 -1.10 23.54
C PRO B 1 8.33 -1.17 23.65
N SER B 2 7.61 -2.19 23.23
N SER B 2 7.42 -1.98 23.14
CA SER B 2 7.56 -2.74 21.89
CA SER B 2 7.58 -2.55 21.80
C SER B 2 6.44 -2.13 21.06
C SER B 2 6.52 -2.04 20.82
N VAL B 3 6.39 -2.49 19.78
N VAL B 3 6.70 -2.39 19.55
CA VAL B 3 5.33 -2.02 18.90
CA VAL B 3 5.68 -2.09 18.55
C VAL B 3 4.00 -2.59 19.38
C VAL B 3 4.40 -2.86 18.88
N TYR B 4 3.99 -3.83 19.89
N TYR B 4 4.53 -4.13 19.26
CA TYR B 4 2.76 -4.39 20.47
CA TYR B 4 3.35 -4.88 19.69
C TYR B 4 2.29 -3.57 21.66
C TYR B 4 2.61 -4.21 20.84
N ASP B 5 3.23 -3.15 22.50
N ASP B 5 3.37 -3.73 21.80
CA ASP B 5 2.89 -2.30 23.64
CA ASP B 5 2.82 -3.05 22.96
C ASP B 5 2.21 -1.02 23.15
C ASP B 5 1.95 -1.88 22.48
N ALA B 6 2.76 -0.42 22.09
N ALA B 6 2.50 -1.10 21.55
CA ALA B 6 2.18 0.81 21.56
CA ALA B 6 1.77 0.06 21.06
C ALA B 6 0.77 0.55 21.05
C ALA B 6 0.50 -0.39 20.34
N ALA B 7 0.54 -0.63 20.46
N ALA B 7 0.58 -1.43 19.53
CA ALA B 7 -0.77 -0.94 19.90
CA ALA B 7 -0.59 -1.93 18.81
C ALA B 7 -1.80 -1.12 21.01
C ALA B 7 -1.64 -2.52 19.75
N ALA B 8 -1.40 -1.31 22.26
N ALA B 8 -1.18 -3.24 20.78
CA ALA B 8 -2.35 -1.39 23.36
CA ALA B 8 -2.07 -3.86 21.75
C ALA B 8 -3.18 -0.11 23.48
C ALA B 8 -2.81 -2.84 22.60
N GLN B 9 -2.68 1.01 23.00
N GLN B 9 -2.24 -1.63 22.73
CA GLN B 9 -3.41 2.26 22.98
CA GLN B 9 -2.77 -0.59 23.59
C GLN B 9 -4.63 2.24 22.07
C GLN B 9 -3.93 0.16 22.92
N LEU B 10 -4.64 1.29 21.15
N LEU B 10 -4.12 -0.03 21.63
CA LEU B 10 -5.76 1.14 20.22
CA LEU B 10 -5.23 0.65 20.95
C LEU B 10 -6.82 0.31 20.92
C LEU B 10 -6.54 0.09 21.45
N THR B 11 -7.45 0.95 21.91
CA THR B 11 -8.63 0.45 22.58
C THR B 11 -9.82 0.34 21.64
N ALA B 12 -10.88 -0.31 22.09
CA ALA B 12 -12.10 -0.38 21.27
C ALA B 12 -12.56 1.02 20.87
N ASP B 13 -12.50 1.99 21.78
CA ASP B 13 -12.96 3.33 21.45
C ASP B 13 -12.05 4.01 20.44
N VAL B 14 -10.74 3.88 20.58
CA VAL B 14 -9.80 4.46 19.63
C VAL B 14 -10.04 3.83 18.26
N LYS B 15 -10.22 2.52 18.21
CA LYS B 15 -10.43 1.86 16.93
C LYS B 15 -11.74 2.31 16.28
N LYS B 16 -12.78 2.51 17.08
CA LYS B 16 -14.04 3.02 16.54
C LYS B 16 -13.85 4.39 15.93
N ASP B 17 -13.11 5.26 16.63
CA ASP B 17 -12.89 6.61 16.11
C ASP B 17 -12.03 6.59 14.84
N LEU B 18 -11.01 5.73 14.80
CA LEU B 18 -10.21 5.55 13.60
C LEU B 18 -11.06 5.06 12.43
N ARG B 19 -11.88 4.04 12.67
CA ARG B 19 -12.69 3.48 11.59
C ARG B 19 -13.73 4.48 11.08
N ASP B 20 -14.38 5.19 12.00
CA ASP B 20 -15.43 6.12 11.59
C ASP B 20 -14.88 7.26 10.75
N SER B 21 -13.74 7.81 11.20
CA SER B 21 -13.13 8.90 10.43
C SER B 21 -12.57 8.36 9.12
N TRP B 22 -11.96 7.17 9.12
CA TRP B 22 -11.42 6.65 7.87
C TRP B 22 -12.49 6.34 6.84
N LYS B 23 -13.68 5.94 7.24
CA LYS B 23 -14.77 5.72 6.29
C LYS B 23 -14.98 6.93 5.39
N VAL B 24 -14.80 8.11 5.97
CA VAL B 24 -14.96 9.36 5.23
C VAL B 24 -13.64 9.77 4.59
N ILE B 25 -12.56 9.89 5.34
CA ILE B 25 -11.31 10.39 4.73
C ILE B 25 -10.81 9.44 3.65
N GLY B 26 -10.92 8.14 3.89
CA GLY B 26 -10.46 7.15 2.94
C GLY B 26 -11.35 6.95 1.73
N SER B 27 -12.50 7.62 1.70
CA SER B 27 -13.37 7.55 0.53
C SER B 27 -12.91 8.48 -0.59
N ASP B 28 -11.96 9.37 -0.33
CA ASP B 28 -11.37 10.17 -1.39
C ASP B 28 -9.85 10.14 -1.21
N LYS B 29 -9.26 9.03 -1.64
CA LYS B 29 -7.85 8.82 -1.38
C LYS B 29 -7.00 9.80 -2.17
N LYS B 30 -7.33 10.03 -3.43
CA LYS B 30 -6.58 10.99 -4.23
C LYS B 30 -6.66 12.39 -3.64
N GLY B 31 -7.89 12.87 -3.40
CA GLY B 31 -8.04 14.23 -2.91
C GLY B 31 -7.43 14.44 -1.54
N ASN B 32 -7.74 13.54 -0.61
CA ASN B 32 -7.28 13.74 0.77
C ASN B 32 -5.79 13.36 0.91
N GLY B 33 -5.31 12.43 0.10
CA GLY B 33 -3.88 12.11 0.14
C GLY B 33 -3.03 13.26 -0.36
N VAL B 34 -3.43 13.86 -1.49
CA VAL B 34 -2.67 15.01 -1.98
C VAL B 34 -2.82 16.15 -0.99
N ALA B 35 -3.99 16.35 -0.40
CA ALA B 35 -4.15 17.40 0.60
C ALA B 35 -3.23 17.17 1.80
N LEU B 36 -3.11 15.93 2.27
CA LEU B 36 -2.22 15.62 3.37
C LEU B 36 -0.78 16.00 3.05
N MET B 37 -0.31 15.59 1.88
CA MET B 37 1.07 15.89 1.48
C MET B 37 1.27 17.39 1.29
N THR B 38 0.33 18.06 0.64
CA THR B 38 0.47 19.50 0.41
C THR B 38 0.53 20.24 1.73
N THR B 39 -0.28 19.79 2.69
CA THR B 39 -0.28 20.40 4.03
C THR B 39 1.04 20.14 4.75
N LEU B 40 1.58 18.91 4.68
CA LEU B 40 2.90 18.64 5.24
C LEU B 40 3.91 19.63 4.67
N PHE B 41 3.90 19.83 3.36
CA PHE B 41 4.92 20.71 2.76
C PHE B 41 4.68 22.18 3.02
N ALA B 42 3.45 22.58 3.32
CA ALA B 42 3.10 23.95 3.61
C ALA B 42 3.57 24.36 5.01
N ASP B 43 3.42 23.43 5.94
CA ASP B 43 3.66 23.69 7.35
C ASP B 43 5.02 23.20 7.81
N ASN B 44 5.61 22.27 7.07
CA ASN B 44 6.88 21.63 7.40
C ASN B 44 7.78 21.64 6.16
N GLN B 45 8.09 22.86 5.73
CA GLN B 45 8.86 23.05 4.49
C GLN B 45 10.22 22.37 4.55
N GLU B 46 10.75 22.16 5.76
CA GLU B 46 12.03 21.51 5.93
C GLU B 46 12.02 20.06 5.44
N THR B 47 10.84 19.48 5.21
CA THR B 47 10.75 18.09 4.76
C THR B 47 10.76 17.97 3.23
N ILE B 48 10.66 19.09 2.51
CA ILE B 48 10.43 18.99 1.06
C ILE B 48 11.58 18.26 0.37
N GLY B 49 12.82 18.51 0.75
CA GLY B 49 13.97 17.92 0.09
C GLY B 49 13.97 16.41 0.09
N TYR B 50 13.37 15.79 1.11
CA TYR B 50 13.33 14.34 1.18
C TYR B 50 12.55 13.73 0.02
N PHE B 51 11.68 14.53 -0.57
CA PHE B 51 10.72 14.04 -1.56
C PHE B 51 11.14 14.39 -2.99
N LYS B 52 12.43 14.66 -3.21
CA LYS B 52 12.86 15.12 -4.53
C LYS B 52 12.51 14.13 -5.64
N ARG B 53 12.38 12.82 -5.37
CA ARG B 53 11.99 11.91 -6.45
C ARG B 53 10.68 12.32 -7.10
N LEU B 54 9.82 12.95 -6.32
CA LEU B 54 8.47 13.27 -6.79
C LEU B 54 8.46 14.48 -7.70
N GLY B 55 9.59 15.18 -7.86
CA GLY B 55 9.59 16.39 -8.66
C GLY B 55 9.16 17.57 -7.82
N ASP B 56 8.34 18.45 -8.38
CA ASP B 56 7.91 19.68 -7.74
C ASP B 56 6.63 19.41 -6.93
N VAL B 57 6.78 19.32 -5.62
CA VAL B 57 5.65 18.90 -4.80
C VAL B 57 4.67 20.04 -4.54
N SER B 58 4.91 21.22 -5.13
CA SER B 58 3.90 22.30 -5.07
C SER B 58 2.90 22.21 -6.21
N GLN B 59 3.03 21.26 -7.12
CA GLN B 59 2.16 21.25 -8.30
C GLN B 59 0.87 20.46 -8.06
N GLY B 60 0.71 19.88 -6.88
CA GLY B 60 -0.55 19.25 -6.52
C GLY B 60 -0.96 18.17 -7.51
N MET B 61 -2.19 18.14 -8.05
N MET B 61 -2.27 18.26 -7.83
CA MET B 61 -2.61 17.16 -9.04
CA MET B 61 -3.00 17.17 -8.43
C MET B 61 -1.91 17.23 -10.41
C MET B 61 -2.30 16.86 -9.74
N ALA B 62 -1.21 18.29 -10.73
N ALA B 62 -1.81 17.94 -10.35
CA ALA B 62 -0.45 18.40 -11.98
CA ALA B 62 -1.22 17.86 -11.68
C ALA B 62 0.97 17.87 -11.82
C ALA B 62 0.09 17.09 -11.69
N ASN B 63 1.11 16.94 -10.89
N ASN B 63 0.78 16.99 -10.56
CA ASN B 63 2.32 16.16 -10.67
CA ASN B 63 2.04 16.25 -10.53
C ASN B 63 1.89 14.71 -10.45
C ASN B 63 1.74 14.76 -10.50
N ASP B 64 2.07 13.96 -11.53
CA ASP B 64 1.67 12.56 -11.52
C ASP B 64 2.42 11.74 -10.47
N LYS B 65 3.71 12.01 -10.25
CA LYS B 65 4.44 11.25 -9.23
C LYS B 65 3.92 11.58 -7.83
N LEU B 66 3.59 12.85 -7.58
CA LEU B 66 3.00 13.22 -6.29
C LEU B 66 1.64 12.53 -6.11
N ARG B 67 0.83 12.52 -7.16
CA ARG B 67 -0.47 11.85 -7.07
C ARG B 67 -0.30 10.36 -6.79
N GLY B 68 0.61 9.70 -7.51
CA GLY B 68 0.81 8.27 -7.30
C GLY B 68 1.30 7.95 -5.89
N HIS B 69 2.24 8.76 -5.40
CA HIS B 69 2.71 8.63 -4.04
C HIS B 69 1.58 8.80 -3.03
N SER B 70 0.79 9.85 -3.23
CA SER B 70 -0.23 10.24 -2.26
C SER B 70 -1.34 9.21 -2.18
N ILE B 71 -1.79 8.73 -3.35
CA ILE B 71 -2.79 7.66 -3.35
C ILE B 71 -2.26 6.44 -2.63
N THR B 72 -1.00 6.07 -2.93
CA THR B 72 -0.43 4.85 -2.34
C THR B 72 -0.28 5.01 -0.83
N LEU B 73 0.09 6.19 -0.35
CA LEU B 73 0.16 6.44 1.08
C LEU B 73 -1.20 6.16 1.74
N MET B 74 -2.28 6.56 1.06
CA MET B 74 -3.61 6.32 1.62
C MET B 74 -3.94 4.84 1.68
N TYR B 75 -3.36 4.01 0.80
CA TYR B 75 -3.54 2.57 0.93
C TYR B 75 -2.70 1.99 2.05
N ALA B 76 -1.59 2.62 2.44
CA ALA B 76 -0.90 2.21 3.66
C ALA B 76 -1.82 2.39 4.86
N LEU B 77 -2.48 3.56 4.91
CA LEU B 77 -3.43 3.82 6.00
C LEU B 77 -4.61 2.85 5.94
N GLN B 78 -5.15 2.56 4.75
CA GLN B 78 -6.22 1.58 4.63
C GLN B 78 -5.81 0.24 5.22
N ASN B 79 -4.61 -0.18 4.90
CA ASN B 79 -4.02 -1.42 5.41
C ASN B 79 -4.00 -1.39 6.92
N PHE B 80 -3.45 -0.34 7.52
CA PHE B 80 -3.43 -0.26 8.98
C PHE B 80 -4.84 -0.37 9.58
N ILE B 81 -5.78 0.40 9.01
CA ILE B 81 -7.13 0.38 9.55
C ILE B 81 -7.70 -1.04 9.48
N ASP B 82 -7.47 -1.72 8.37
CA ASP B 82 -8.04 -3.06 8.24
C ASP B 82 -7.37 -4.06 9.16
N GLN B 83 -6.17 -3.81 9.68
CA GLN B 83 -5.51 -4.73 10.58
C GLN B 83 -5.75 -4.44 12.06
N LEU B 84 -6.54 -3.43 12.42
CA LEU B 84 -6.57 -2.97 13.80
C LEU B 84 -6.95 -4.05 14.82
N ASP B 85 -7.78 -5.00 14.42
CA ASP B 85 -8.24 -5.96 15.43
C ASP B 85 -7.27 -7.11 15.63
N ASN B 86 -6.22 -7.19 14.82
CA ASN B 86 -5.22 -8.24 14.95
C ASN B 86 -3.85 -7.61 15.07
N PRO B 87 -3.44 -7.33 16.29
CA PRO B 87 -2.11 -6.74 16.51
C PRO B 87 -0.98 -7.52 15.83
N ASP B 88 -1.01 -8.83 15.68
CA ASP B 88 0.05 -9.50 14.94
C ASP B 88 0.17 -9.00 13.51
N ASP B 89 -0.99 -8.83 12.87
CA ASP B 89 -0.99 -8.36 11.49
C ASP B 89 -0.67 -6.88 11.42
N LEU B 90 -1.21 -6.07 12.34
CA LEU B 90 -0.88 -4.65 12.35
C LEU B 90 0.62 -4.46 12.51
N VAL B 91 1.22 -5.16 13.46
CA VAL B 91 2.64 -4.96 13.71
C VAL B 91 3.45 -5.32 12.47
N CYS B 92 3.12 -6.42 11.79
CA CYS B 92 4.01 -6.80 10.67
C CYS B 92 3.86 -5.79 9.51
N VAL B 93 2.69 -5.19 9.30
CA VAL B 93 2.60 -4.20 8.21
C VAL B 93 3.21 -2.88 8.68
N VAL B 94 3.04 -2.48 9.94
CA VAL B 94 3.74 -1.30 10.46
C VAL B 94 5.25 -1.46 10.30
N GLU B 95 5.79 -2.62 10.62
CA GLU B 95 7.25 -2.83 10.52
C GLU B 95 7.68 -2.68 9.07
N LYS B 96 6.88 -3.18 8.13
CA LYS B 96 7.21 -3.04 6.71
C LYS B 96 7.32 -1.57 6.34
N PHE B 97 6.30 -0.78 6.66
CA PHE B 97 6.35 0.64 6.29
C PHE B 97 7.40 1.39 7.11
N ALA B 98 7.67 0.96 8.34
CA ALA B 98 8.75 1.59 9.09
C ALA B 98 10.08 1.42 8.34
N VAL B 99 10.35 0.26 7.80
CA VAL B 99 11.59 0.05 7.05
C VAL B 99 11.67 1.01 5.88
N ASN B 100 10.56 1.24 5.17
CA ASN B 100 10.53 2.22 4.09
C ASN B 100 11.03 3.59 4.53
N HIS B 101 10.78 3.96 5.78
CA HIS B 101 11.16 5.27 6.32
C HIS B 101 12.54 5.23 6.98
N ILE B 102 12.90 4.17 7.70
CA ILE B 102 14.24 4.05 8.29
C ILE B 102 15.32 4.16 7.25
N THR B 103 15.10 3.50 6.11
CA THR B 103 16.14 3.45 5.10
C THR B 103 16.29 4.82 4.45
N ARG B 104 15.36 5.74 4.70
CA ARG B 104 15.47 7.12 4.24
C ARG B 104 15.75 8.13 5.33
N LYS B 105 16.17 7.59 6.45
CA LYS B 105 16.67 8.39 7.57
C LYS B 105 15.57 9.26 8.16
N ILE B 106 14.33 8.77 8.16
CA ILE B 106 13.24 9.46 8.82
C ILE B 106 13.07 8.94 10.24
N SER B 107 13.36 9.82 11.20
CA SER B 107 13.27 9.46 12.60
C SER B 107 11.84 9.37 13.09
N ALA B 108 11.68 8.80 14.28
CA ALA B 108 10.35 8.78 14.91
C ALA B 108 9.77 10.19 15.05
N ALA B 109 10.59 11.15 15.47
CA ALA B 109 10.08 12.50 15.64
C ALA B 109 9.66 13.12 14.30
N GLU B 110 10.41 12.90 13.25
CA GLU B 110 10.09 13.43 11.93
C GLU B 110 8.82 12.77 11.41
N PHE B 111 8.68 11.47 11.60
CA PHE B 111 7.44 10.80 11.17
C PHE B 111 6.24 11.44 11.86
N GLY B 112 6.41 11.81 13.14
CA GLY B 112 5.35 12.43 13.90
C GLY B 112 4.94 13.81 13.40
N LYS B 113 5.73 14.43 12.52
CA LYS B 113 5.29 15.67 11.89
C LYS B 113 3.99 15.50 11.14
N ILE B 114 3.64 14.27 10.75
CA ILE B 114 2.39 14.07 10.02
C ILE B 114 1.16 14.35 10.87
N ASN B 115 1.28 14.40 12.20
CA ASN B 115 0.08 14.64 13.01
C ASN B 115 -0.54 16.01 12.73
N GLY B 116 0.25 17.03 12.44
CA GLY B 116 -0.34 18.31 12.12
C GLY B 116 -1.20 18.29 10.88
N PRO B 117 -0.66 17.85 9.75
CA PRO B 117 -1.50 17.62 8.56
C PRO B 117 -2.67 16.68 8.80
N ILE B 118 -2.52 15.61 9.54
CA ILE B 118 -3.69 14.74 9.79
C ILE B 118 -4.78 15.52 10.51
N LYS B 119 -4.41 16.29 11.54
CA LYS B 119 -5.42 17.06 12.27
C LYS B 119 -6.16 17.98 11.32
N LYS B 120 -5.46 18.62 10.40
CA LYS B 120 -6.10 19.54 9.47
C LYS B 120 -6.97 18.82 8.46
N VAL B 121 -6.52 17.70 7.91
CA VAL B 121 -7.36 16.96 6.96
C VAL B 121 -8.59 16.42 7.66
N LEU B 122 -8.44 15.91 8.88
CA LEU B 122 -9.61 15.48 9.65
C LEU B 122 -10.60 16.61 9.83
N ALA B 123 -10.09 17.77 10.22
CA ALA B 123 -10.96 18.91 10.49
C ALA B 123 -11.67 19.39 9.23
N SER B 124 -11.09 19.16 8.05
CA SER B 124 -11.74 19.52 6.80
C SER B 124 -13.05 18.77 6.60
N LYS B 125 -13.24 17.66 7.28
CA LYS B 125 -14.48 16.88 7.25
C LYS B 125 -15.12 16.85 8.64
N ASN B 126 -14.75 17.83 9.46
CA ASN B 126 -15.32 18.10 10.78
C ASN B 126 -15.10 16.98 11.79
N PHE B 127 -14.02 16.22 11.61
CA PHE B 127 -13.51 15.34 12.65
C PHE B 127 -12.51 16.12 13.50
N GLY B 128 -12.88 16.36 14.75
CA GLY B 128 -12.14 17.25 15.60
C GLY B 128 -11.08 16.57 16.44
N ASP B 129 -10.76 17.19 17.57
CA ASP B 129 -9.57 16.83 18.33
C ASP B 129 -9.61 15.38 18.80
N LYS B 130 -10.76 14.81 19.17
CA LYS B 130 -10.77 13.42 19.58
C LYS B 130 -10.20 12.51 18.50
N TYR B 131 -10.58 12.81 17.26
CA TYR B 131 -10.16 12.02 16.12
C TYR B 131 -8.68 12.25 15.83
N ALA B 132 -8.22 13.49 15.91
CA ALA B 132 -6.78 13.74 15.74
C ALA B 132 -5.98 12.97 16.76
N ASN B 133 -6.46 12.95 18.01
CA ASN B 133 -5.77 12.22 19.07
C ASN B 133 -5.75 10.72 18.79
N ALA B 134 -6.84 10.16 18.28
CA ALA B 134 -6.86 8.74 17.92
C ALA B 134 -5.84 8.43 16.84
N TRP B 135 -5.79 9.27 15.80
CA TRP B 135 -4.80 9.08 14.75
C TRP B 135 -3.38 9.24 15.28
N ALA B 136 -3.15 10.14 16.23
CA ALA B 136 -1.80 10.24 16.80
C ALA B 136 -1.41 8.93 17.50
N LYS B 137 -2.36 8.22 18.10
CA LYS B 137 -2.06 6.92 18.71
C LYS B 137 -1.64 5.92 17.65
N LEU B 138 -2.27 5.92 16.47
CA LEU B 138 -1.88 5.02 15.39
C LEU B 138 -0.50 5.43 14.84
N VAL B 139 -0.29 6.72 14.62
CA VAL B 139 1.04 7.20 14.22
C VAL B 139 2.10 6.72 15.21
N ALA B 140 1.75 6.72 16.50
CA ALA B 140 2.74 6.32 17.52
C ALA B 140 3.07 4.84 17.44
N VAL B 141 2.20 4.00 16.87
CA VAL B 141 2.57 2.60 16.65
C VAL B 141 3.72 2.54 15.64
N VAL B 142 3.64 3.36 14.58
CA VAL B 142 4.75 3.41 13.61
C VAL B 142 5.98 4.01 14.30
N GLN B 143 5.80 5.05 15.12
CA GLN B 143 6.96 5.65 15.78
C GLN B 143 7.68 4.63 16.66
N ALA B 144 6.96 3.69 17.26
CA ALA B 144 7.58 2.64 18.07
C ALA B 144 8.50 1.75 17.24
N ALA B 145 8.28 1.70 15.94
CA ALA B 145 9.13 0.91 15.03
C ALA B 145 10.28 1.73 14.45
N LEU B 146 10.38 3.03 14.76
CA LEU B 146 11.37 3.93 14.16
C LEU B 146 12.42 4.38 15.19
CHA HEM C . 8.35 -5.43 -3.18
CHB HEM C . 4.03 -5.40 -5.31
CHC HEM C . 5.51 -8.96 -8.20
CHD HEM C . 10.00 -8.48 -6.53
C1A HEM C . 7.05 -5.14 -3.50
C2A HEM C . 6.24 -4.17 -2.76
C3A HEM C . 5.02 -4.17 -3.35
C4A HEM C . 5.08 -5.14 -4.44
CMA HEM C . 3.82 -3.36 -2.97
CAA HEM C . 6.80 -3.25 -1.72
CBA HEM C . 7.64 -2.12 -2.37
CGA HEM C . 8.48 -1.33 -1.40
O1A HEM C . 7.98 -1.01 -0.30
O2A HEM C . 9.61 -0.98 -1.83
C1B HEM C . 4.07 -6.34 -6.33
C2B HEM C . 2.93 -6.70 -7.13
C3B HEM C . 3.31 -7.76 -7.90
C4B HEM C . 4.72 -8.00 -7.60
CMB HEM C . 1.61 -5.99 -7.11
CAB HEM C . 2.56 -8.52 -8.89
CBB HEM C . 1.24 -8.78 -8.84
C1C HEM C . 6.87 -9.13 -8.04
C2C HEM C . 7.68 -10.12 -8.73
C3C HEM C . 8.96 -9.94 -8.31
C4C HEM C . 8.92 -8.87 -7.32
CMC HEM C . 7.13 -11.08 -9.74
CAC HEM C . 10.18 -10.64 -8.65
CBC HEM C . 10.46 -11.45 -9.63
C1D HEM C . 9.94 -7.63 -5.45
C2D HEM C . 11.05 -7.37 -4.57
C3D HEM C . 10.58 -6.55 -3.59
C4D HEM C . 9.18 -6.30 -3.90
CMD HEM C . 12.40 -8.02 -4.66
CAD HEM C . 11.30 -6.07 -2.36
CBD HEM C . 11.04 -6.97 -1.13
CGD HEM C . 11.68 -6.32 0.09
O1D HEM C . 12.96 -6.39 0.19
O2D HEM C . 10.93 -5.69 0.88
NA HEM C . 6.32 -5.71 -4.50
NB HEM C . 5.16 -7.12 -6.64
NC HEM C . 7.64 -8.37 -7.21
ND HEM C . 8.81 -6.97 -5.03
FE HEM C . 6.98 -7.05 -5.85
C CMO D . 6.59 -8.46 -4.82
O CMO D . 6.45 -9.51 -4.31
XE XE E . -5.05 -11.83 -8.21
XE XE E . -3.53 -13.03 -5.37
XE XE F . -0.54 -6.36 -11.25
XE XE G . 3.45 -3.78 -8.85
CHA HEM H . 7.53 7.17 1.16
CHB HEM H . 3.70 6.16 3.92
CHC HEM H . 4.76 9.98 6.69
CHD HEM H . 8.93 10.51 4.33
C1A HEM H . 6.37 6.61 1.66
C2A HEM H . 5.70 5.47 1.02
C3A HEM H . 4.63 5.19 1.79
C4A HEM H . 4.65 6.14 2.90
CMA HEM H . 3.58 4.13 1.59
CAA HEM H . 6.24 4.72 -0.14
CBA HEM H . 7.44 3.84 0.26
CGA HEM H . 8.22 3.31 -0.90
O1A HEM H . 7.55 2.85 -1.88
O2A HEM H . 9.47 3.14 -0.76
C1B HEM H . 3.67 7.08 4.96
C2B HEM H . 2.61 7.18 5.93
C3B HEM H . 2.88 8.30 6.68
C4B HEM H . 4.12 8.85 6.16
CMB HEM H . 1.55 6.15 6.12
CAB HEM H . 2.14 8.86 7.78
CBB HEM H . 0.79 8.78 7.95
C1C HEM H . 6.00 10.44 6.31
C2C HEM H . 6.65 11.59 6.90
C3C HEM H . 7.88 11.72 6.28
C4C HEM H . 7.93 10.65 5.29
CMC HEM H . 6.03 12.46 7.95
CAC HEM H . 8.93 12.70 6.48
CBC HEM H . 9.03 13.70 7.30
C1D HEM H . 8.91 9.66 3.26
C2D HEM H . 9.87 9.68 2.19
C3D HEM H . 9.46 8.79 1.25
C4D HEM H . 8.23 8.19 1.79
CMD HEM H . 11.05 10.60 2.10
CAD HEM H . 10.03 8.47 -0.10
CBD HEM H . 9.35 9.25 -1.24
CGD HEM H . 9.87 8.74 -2.58
O1D HEM H . 11.05 9.14 -2.93
O2D HEM H . 9.20 7.89 -3.22
NA HEM H . 5.72 6.97 2.81
NB HEM H . 4.61 8.09 5.12
NC HEM H . 6.78 9.89 5.34
ND HEM H . 7.91 8.75 2.99
FE HEM H . 6.24 8.44 4.06
C CMO I . 5.40 9.70 3.11
O CMO I . 4.87 10.63 2.63
XE XE J . -0.25 6.13 10.65
XE XE K . -6.19 10.50 8.26
XE XE K . -5.18 11.53 5.42
XE XE L . 4.23 4.46 7.56
#